data_6D37
#
_entry.id   6D37
#
_entity_poly.entity_id   1
_entity_poly.type   'polypeptide(L)'
_entity_poly.pdbx_seq_one_letter_code
;(ACE)AYAQWLAD(DAL)GPAS(DAL)(NVA)PPPS(NH2)
;
_entity_poly.pdbx_strand_id   A
#
# COMPACT_ATOMS: atom_id res chain seq x y z
N ALA A 2 -4.51 6.40 -3.03
CA ALA A 2 -3.11 5.98 -3.01
C ALA A 2 -2.86 4.94 -1.92
N TYR A 3 -3.33 5.23 -0.70
CA TYR A 3 -3.16 4.32 0.43
C TYR A 3 -3.97 3.03 0.21
N ALA A 4 -5.20 3.19 -0.29
CA ALA A 4 -6.07 2.05 -0.55
C ALA A 4 -5.44 1.09 -1.56
N GLN A 5 -4.81 1.66 -2.59
CA GLN A 5 -4.15 0.86 -3.62
C GLN A 5 -2.96 0.10 -3.02
N TRP A 6 -2.22 0.77 -2.13
CA TRP A 6 -1.07 0.16 -1.46
C TRP A 6 -1.47 -1.17 -0.81
N LEU A 7 -2.63 -1.18 -0.14
CA LEU A 7 -3.13 -2.39 0.52
C LEU A 7 -3.46 -3.46 -0.50
N ALA A 8 -4.05 -3.05 -1.63
CA ALA A 8 -4.42 -3.97 -2.70
C ALA A 8 -3.19 -4.69 -3.27
N ASP A 9 -2.06 -3.99 -3.31
CA ASP A 9 -0.81 -4.57 -3.84
C ASP A 9 -0.22 -5.60 -2.85
N GLY A 11 0.42 -4.48 0.60
CA GLY A 11 0.86 -3.70 1.74
C GLY A 11 2.30 -4.01 2.14
N PRO A 12 2.56 -4.28 3.43
CA PRO A 12 3.91 -4.59 3.91
C PRO A 12 4.50 -5.86 3.29
N ALA A 13 3.63 -6.77 2.85
CA ALA A 13 4.06 -8.03 2.24
C ALA A 13 4.71 -7.82 0.87
N SER A 14 4.19 -6.85 0.10
CA SER A 14 4.73 -6.56 -1.23
C SER A 14 6.16 -6.00 -1.14
N PRO A 17 6.75 0.87 0.67
CA PRO A 17 6.37 1.81 1.72
C PRO A 17 5.03 2.49 1.45
N PRO A 18 4.09 2.45 2.42
CA PRO A 18 2.77 3.06 2.28
C PRO A 18 2.85 4.55 1.91
N PRO A 19 2.00 5.01 0.98
CA PRO A 19 1.99 6.41 0.54
C PRO A 19 1.36 7.34 1.57
N SER A 20 2.06 8.45 1.87
CA SER A 20 1.57 9.42 2.85
C SER A 20 1.26 10.76 2.17
N ALA A 2 -4.89 6.33 -2.77
CA ALA A 2 -3.46 6.18 -2.57
C ALA A 2 -3.15 5.04 -1.60
N TYR A 3 -3.57 5.21 -0.34
CA TYR A 3 -3.35 4.20 0.69
C TYR A 3 -4.10 2.90 0.37
N ALA A 4 -5.33 3.05 -0.15
CA ALA A 4 -6.14 1.88 -0.50
C ALA A 4 -5.45 1.04 -1.56
N GLN A 5 -4.85 1.70 -2.56
CA GLN A 5 -4.14 1.00 -3.63
C GLN A 5 -2.92 0.27 -3.08
N TRP A 6 -2.25 0.88 -2.10
CA TRP A 6 -1.07 0.28 -1.46
C TRP A 6 -1.41 -1.10 -0.90
N LEU A 7 -2.57 -1.20 -0.24
CA LEU A 7 -3.02 -2.47 0.34
C LEU A 7 -3.30 -3.50 -0.76
N ALA A 8 -3.83 -3.03 -1.89
CA ALA A 8 -4.14 -3.91 -3.02
C ALA A 8 -2.89 -4.62 -3.55
N ASP A 9 -1.74 -3.92 -3.52
CA ASP A 9 -0.48 -4.49 -3.98
C ASP A 9 0.07 -5.55 -3.01
N GLY A 11 0.59 -4.50 0.47
CA GLY A 11 1.00 -3.74 1.65
C GLY A 11 2.42 -4.04 2.06
N PRO A 12 2.67 -4.33 3.36
CA PRO A 12 4.01 -4.63 3.88
C PRO A 12 4.61 -5.91 3.28
N ALA A 13 3.76 -6.83 2.82
CA ALA A 13 4.21 -8.09 2.25
C ALA A 13 4.93 -7.89 0.91
N SER A 14 4.40 -6.99 0.07
CA SER A 14 5.00 -6.72 -1.23
C SER A 14 6.37 -6.05 -1.10
N PRO A 17 6.64 0.88 0.58
CA PRO A 17 6.30 1.84 1.63
C PRO A 17 4.93 2.50 1.41
N PRO A 18 4.05 2.45 2.43
CA PRO A 18 2.70 3.03 2.35
C PRO A 18 2.75 4.53 2.04
N PRO A 19 1.84 5.01 1.15
CA PRO A 19 1.78 6.42 0.77
C PRO A 19 1.19 7.30 1.87
N SER A 20 1.63 8.56 1.91
CA SER A 20 1.14 9.51 2.91
C SER A 20 0.48 10.72 2.24
N ALA A 2 -4.74 6.26 -2.94
CA ALA A 2 -3.31 6.13 -2.66
C ALA A 2 -3.04 5.00 -1.65
N TYR A 3 -3.46 5.21 -0.39
CA TYR A 3 -3.26 4.21 0.65
C TYR A 3 -4.05 2.94 0.36
N ALA A 4 -5.27 3.10 -0.15
CA ALA A 4 -6.12 1.95 -0.49
C ALA A 4 -5.46 1.07 -1.55
N GLN A 5 -4.86 1.73 -2.56
CA GLN A 5 -4.18 1.01 -3.64
C GLN A 5 -2.96 0.26 -3.09
N TRP A 6 -2.28 0.86 -2.11
CA TRP A 6 -1.11 0.26 -1.48
C TRP A 6 -1.47 -1.10 -0.89
N LEU A 7 -2.63 -1.19 -0.24
CA LEU A 7 -3.10 -2.43 0.36
C LEU A 7 -3.38 -3.49 -0.71
N ALA A 8 -3.90 -3.05 -1.85
CA ALA A 8 -4.23 -3.94 -2.96
C ALA A 8 -3.00 -4.71 -3.45
N ASP A 9 -1.84 -4.04 -3.44
CA ASP A 9 -0.59 -4.67 -3.89
C ASP A 9 -0.07 -5.68 -2.87
N GLY A 11 0.46 -4.49 0.55
CA GLY A 11 0.93 -3.69 1.67
C GLY A 11 2.36 -4.01 2.04
N PRO A 12 2.64 -4.29 3.33
CA PRO A 12 3.99 -4.62 3.80
C PRO A 12 4.56 -5.90 3.17
N ALA A 13 3.67 -6.79 2.74
CA ALA A 13 4.09 -8.06 2.12
C ALA A 13 4.77 -7.84 0.77
N SER A 14 4.29 -6.86 0.00
CA SER A 14 4.87 -6.58 -1.32
C SER A 14 6.27 -5.95 -1.19
N PRO A 17 6.71 0.93 0.59
CA PRO A 17 6.35 1.89 1.64
C PRO A 17 5.00 2.54 1.41
N PRO A 18 4.08 2.46 2.40
CA PRO A 18 2.74 3.05 2.30
C PRO A 18 2.77 4.54 1.97
N PRO A 19 1.90 5.00 1.06
CA PRO A 19 1.83 6.40 0.65
C PRO A 19 1.11 7.27 1.69
N SER A 20 1.76 8.37 2.08
CA SER A 20 1.18 9.29 3.06
C SER A 20 1.62 10.73 2.78
N ALA A 2 -4.70 6.45 -2.75
CA ALA A 2 -3.29 6.04 -2.77
C ALA A 2 -3.01 4.96 -1.72
N TYR A 3 -3.47 5.20 -0.49
CA TYR A 3 -3.28 4.24 0.60
C TYR A 3 -4.07 2.95 0.34
N ALA A 4 -5.29 3.09 -0.16
CA ALA A 4 -6.13 1.94 -0.47
C ALA A 4 -5.48 1.05 -1.53
N GLN A 5 -4.88 1.68 -2.54
CA GLN A 5 -4.20 0.96 -3.61
C GLN A 5 -2.98 0.21 -3.05
N TRP A 6 -2.28 0.84 -2.10
CA TRP A 6 -1.11 0.25 -1.48
C TRP A 6 -1.45 -1.12 -0.87
N LEU A 7 -2.60 -1.19 -0.20
CA LEU A 7 -3.06 -2.44 0.43
C LEU A 7 -3.37 -3.49 -0.64
N ALA A 8 -3.91 -3.05 -1.78
CA ALA A 8 -4.26 -3.95 -2.89
C ALA A 8 -3.02 -4.68 -3.42
N ASP A 9 -1.87 -4.00 -3.42
CA ASP A 9 -0.63 -4.60 -3.91
C ASP A 9 -0.07 -5.63 -2.92
N GLY A 11 0.54 -4.49 0.53
CA GLY A 11 0.97 -3.72 1.66
C GLY A 11 2.42 -4.01 2.05
N PRO A 12 2.68 -4.29 3.35
CA PRO A 12 4.04 -4.60 3.83
C PRO A 12 4.63 -5.86 3.21
N ALA A 13 3.76 -6.78 2.77
CA ALA A 13 4.21 -8.03 2.16
C ALA A 13 4.86 -7.81 0.80
N SER A 14 4.32 -6.87 0.02
CA SER A 14 4.86 -6.57 -1.31
C SER A 14 6.26 -5.96 -1.22
N PRO A 17 6.70 0.91 0.57
CA PRO A 17 6.35 1.85 1.64
C PRO A 17 4.98 2.50 1.40
N PRO A 18 4.08 2.43 2.40
CA PRO A 18 2.73 3.03 2.30
C PRO A 18 2.78 4.53 2.01
N PRO A 19 1.90 5.02 1.11
CA PRO A 19 1.84 6.43 0.75
C PRO A 19 1.19 7.29 1.83
N SER A 20 1.81 8.44 2.12
CA SER A 20 1.30 9.36 3.14
C SER A 20 0.61 10.56 2.49
N ALA A 2 -4.76 6.43 -2.89
CA ALA A 2 -3.36 6.01 -2.92
C ALA A 2 -3.08 4.94 -1.85
N TYR A 3 -3.50 5.22 -0.61
CA TYR A 3 -3.30 4.29 0.49
C TYR A 3 -4.06 2.99 0.25
N ALA A 4 -5.29 3.10 -0.25
CA ALA A 4 -6.12 1.92 -0.54
C ALA A 4 -5.44 1.04 -1.58
N GLN A 5 -4.83 1.67 -2.59
CA GLN A 5 -4.12 0.94 -3.64
C GLN A 5 -2.93 0.19 -3.06
N TRP A 6 -2.23 0.83 -2.11
CA TRP A 6 -1.07 0.22 -1.45
C TRP A 6 -1.44 -1.12 -0.84
N LEU A 7 -2.61 -1.19 -0.18
CA LEU A 7 -3.09 -2.42 0.44
C LEU A 7 -3.39 -3.48 -0.62
N ALA A 8 -3.95 -3.05 -1.75
CA ALA A 8 -4.28 -3.95 -2.85
C ALA A 8 -3.04 -4.64 -3.40
N ASP A 9 -1.90 -3.92 -3.41
CA ASP A 9 -0.64 -4.47 -3.91
C ASP A 9 -0.05 -5.50 -2.95
N GLY A 11 0.55 -4.42 0.52
CA GLY A 11 0.97 -3.65 1.68
C GLY A 11 2.39 -4.00 2.12
N PRO A 12 2.61 -4.29 3.40
CA PRO A 12 3.94 -4.63 3.94
C PRO A 12 4.49 -5.93 3.35
N ALA A 13 3.61 -6.82 2.87
CA ALA A 13 4.01 -8.09 2.30
C ALA A 13 4.73 -7.93 0.96
N SER A 14 4.29 -6.95 0.15
CA SER A 14 4.91 -6.71 -1.15
C SER A 14 6.29 -6.08 -1.01
N PRO A 17 6.63 0.82 0.65
CA PRO A 17 6.25 1.77 1.71
C PRO A 17 4.90 2.45 1.42
N PRO A 18 4.00 2.46 2.43
CA PRO A 18 2.67 3.08 2.30
C PRO A 18 2.76 4.56 1.91
N PRO A 19 1.88 5.03 1.00
CA PRO A 19 1.87 6.42 0.56
C PRO A 19 1.30 7.38 1.62
N SER A 20 1.93 8.54 1.77
CA SER A 20 1.49 9.53 2.73
C SER A 20 1.50 10.93 2.13
N ALA A 2 -4.74 6.44 -2.68
CA ALA A 2 -3.33 6.10 -2.67
C ALA A 2 -3.05 4.98 -1.65
N TYR A 3 -3.49 5.19 -0.41
CA TYR A 3 -3.29 4.19 0.65
C TYR A 3 -4.06 2.91 0.35
N ALA A 4 -5.28 3.05 -0.16
CA ALA A 4 -6.12 1.91 -0.50
C ALA A 4 -5.45 1.04 -1.56
N GLN A 5 -4.84 1.70 -2.56
CA GLN A 5 -4.14 0.99 -3.63
C GLN A 5 -2.93 0.24 -3.07
N TRP A 6 -2.25 0.86 -2.11
CA TRP A 6 -1.08 0.26 -1.48
C TRP A 6 -1.42 -1.11 -0.88
N LEU A 7 -2.60 -1.19 -0.23
CA LEU A 7 -3.06 -2.44 0.37
C LEU A 7 -3.35 -3.49 -0.71
N ALA A 8 -3.92 -3.04 -1.83
CA ALA A 8 -4.25 -3.93 -2.94
C ALA A 8 -3.01 -4.65 -3.48
N ASP A 9 -1.87 -3.96 -3.47
CA ASP A 9 -0.61 -4.54 -3.96
C ASP A 9 -0.06 -5.57 -2.99
N GLY A 11 0.51 -4.48 0.48
CA GLY A 11 0.94 -3.71 1.64
C GLY A 11 2.36 -4.03 2.05
N PRO A 12 2.61 -4.31 3.34
CA PRO A 12 3.96 -4.62 3.84
C PRO A 12 4.55 -5.90 3.23
N ALA A 13 3.68 -6.81 2.77
CA ALA A 13 4.12 -8.07 2.17
C ALA A 13 4.81 -7.86 0.82
N SER A 14 4.29 -6.93 0.01
CA SER A 14 4.86 -6.64 -1.31
C SER A 14 6.26 -6.03 -1.18
N PRO A 17 6.69 0.88 0.58
CA PRO A 17 6.33 1.84 1.65
C PRO A 17 4.97 2.50 1.42
N PRO A 18 4.07 2.44 2.42
CA PRO A 18 2.73 3.03 2.33
C PRO A 18 2.78 4.53 2.04
N PRO A 19 1.91 5.02 1.13
CA PRO A 19 1.87 6.45 0.77
C PRO A 19 1.31 7.32 1.88
N SER A 20 1.90 8.50 2.06
CA SER A 20 1.46 9.44 3.09
C SER A 20 0.88 10.71 2.46
N ALA A 2 -4.94 6.50 -2.35
CA ALA A 2 -3.52 6.15 -2.39
C ALA A 2 -3.21 5.00 -1.44
N TYR A 3 -3.64 5.12 -0.19
CA TYR A 3 -3.40 4.10 0.82
C TYR A 3 -4.14 2.80 0.46
N ALA A 4 -5.36 2.94 -0.04
CA ALA A 4 -6.16 1.77 -0.44
C ALA A 4 -5.46 0.98 -1.54
N GLN A 5 -4.88 1.70 -2.51
CA GLN A 5 -4.16 1.06 -3.61
C GLN A 5 -2.92 0.32 -3.08
N TRP A 6 -2.26 0.91 -2.09
CA TRP A 6 -1.08 0.31 -1.47
C TRP A 6 -1.40 -1.10 -0.95
N LEU A 7 -2.56 -1.22 -0.29
CA LEU A 7 -2.99 -2.52 0.25
C LEU A 7 -3.25 -3.52 -0.88
N ALA A 8 -3.77 -3.03 -2.00
CA ALA A 8 -4.07 -3.88 -3.16
C ALA A 8 -2.80 -4.55 -3.69
N ASP A 9 -1.67 -3.84 -3.64
CA ASP A 9 -0.39 -4.38 -4.12
C ASP A 9 0.15 -5.45 -3.16
N GLY A 11 0.58 -4.48 0.35
CA GLY A 11 0.96 -3.75 1.56
C GLY A 11 2.38 -4.07 2.01
N PRO A 12 2.58 -4.38 3.30
CA PRO A 12 3.91 -4.70 3.84
C PRO A 12 4.53 -5.96 3.22
N ALA A 13 3.69 -6.85 2.70
CA ALA A 13 4.15 -8.10 2.09
C ALA A 13 4.89 -7.85 0.77
N SER A 14 4.41 -6.90 -0.02
CA SER A 14 5.04 -6.58 -1.30
C SER A 14 6.37 -5.85 -1.12
N PRO A 17 6.45 0.77 0.46
CA PRO A 17 6.07 1.57 1.63
C PRO A 17 4.72 2.28 1.43
N PRO A 18 3.88 2.30 2.49
CA PRO A 18 2.55 2.95 2.44
C PRO A 18 2.67 4.45 2.16
N PRO A 19 1.79 4.99 1.29
CA PRO A 19 1.78 6.42 0.95
C PRO A 19 1.29 7.30 2.09
N SER A 20 1.93 8.47 2.24
CA SER A 20 1.56 9.41 3.30
C SER A 20 1.45 10.83 2.76
N ALA A 2 -4.97 6.45 -2.63
CA ALA A 2 -3.56 6.05 -2.70
C ALA A 2 -3.23 4.95 -1.69
N TYR A 3 -3.64 5.17 -0.43
CA TYR A 3 -3.39 4.21 0.64
C TYR A 3 -4.14 2.89 0.37
N ALA A 4 -5.37 3.01 -0.13
CA ALA A 4 -6.18 1.82 -0.44
C ALA A 4 -5.51 0.97 -1.51
N GLN A 5 -4.94 1.62 -2.52
CA GLN A 5 -4.24 0.92 -3.60
C GLN A 5 -3.01 0.19 -3.05
N TRP A 6 -2.33 0.82 -2.09
CA TRP A 6 -1.14 0.24 -1.47
C TRP A 6 -1.46 -1.13 -0.87
N LEU A 7 -2.62 -1.23 -0.20
CA LEU A 7 -3.06 -2.48 0.40
C LEU A 7 -3.35 -3.53 -0.67
N ALA A 8 -3.93 -3.09 -1.79
CA ALA A 8 -4.26 -3.99 -2.90
C ALA A 8 -3.01 -4.66 -3.47
N ASP A 9 -1.89 -3.94 -3.48
CA ASP A 9 -0.62 -4.46 -3.99
C ASP A 9 -0.01 -5.50 -3.03
N GLY A 11 0.58 -4.43 0.43
CA GLY A 11 1.01 -3.67 1.59
C GLY A 11 2.45 -3.98 1.98
N PRO A 12 2.70 -4.28 3.27
CA PRO A 12 4.05 -4.59 3.77
C PRO A 12 4.63 -5.86 3.16
N ALA A 13 3.76 -6.76 2.69
CA ALA A 13 4.20 -8.02 2.08
C ALA A 13 4.88 -7.81 0.73
N SER A 14 4.39 -6.85 -0.05
CA SER A 14 4.98 -6.56 -1.37
C SER A 14 6.35 -5.91 -1.24
N PRO A 17 6.63 1.00 0.47
CA PRO A 17 6.27 1.96 1.53
C PRO A 17 4.89 2.58 1.31
N PRO A 18 4.01 2.51 2.34
CA PRO A 18 2.66 3.07 2.27
C PRO A 18 2.67 4.57 1.96
N PRO A 19 1.76 5.03 1.07
CA PRO A 19 1.67 6.44 0.69
C PRO A 19 1.04 7.31 1.77
N SER A 20 1.87 8.11 2.45
CA SER A 20 1.40 8.98 3.52
C SER A 20 2.19 10.29 3.55
N ALA A 2 -5.16 6.45 -2.18
CA ALA A 2 -3.72 6.16 -2.23
C ALA A 2 -3.37 4.99 -1.32
N TYR A 3 -3.77 5.09 -0.05
CA TYR A 3 -3.50 4.04 0.93
C TYR A 3 -4.21 2.74 0.55
N ALA A 4 -5.44 2.87 0.06
CA ALA A 4 -6.24 1.70 -0.35
C ALA A 4 -5.55 0.95 -1.49
N GLN A 5 -4.99 1.71 -2.46
CA GLN A 5 -4.29 1.12 -3.59
C GLN A 5 -3.02 0.40 -3.12
N TRP A 6 -2.36 0.97 -2.12
CA TRP A 6 -1.15 0.39 -1.54
C TRP A 6 -1.42 -1.04 -1.03
N LEU A 7 -2.56 -1.21 -0.37
CA LEU A 7 -2.96 -2.52 0.15
C LEU A 7 -3.20 -3.52 -0.98
N ALA A 8 -3.71 -3.02 -2.11
CA ALA A 8 -3.99 -3.87 -3.27
C ALA A 8 -2.73 -4.56 -3.79
N ASP A 9 -1.60 -3.85 -3.73
CA ASP A 9 -0.32 -4.40 -4.20
C ASP A 9 0.22 -5.46 -3.23
N GLY A 11 0.65 -4.50 0.27
CA GLY A 11 1.03 -3.77 1.47
C GLY A 11 2.45 -4.08 1.91
N PRO A 12 2.67 -4.39 3.20
CA PRO A 12 4.00 -4.71 3.75
C PRO A 12 4.61 -5.98 3.14
N ALA A 13 3.76 -6.88 2.64
CA ALA A 13 4.22 -8.13 2.04
C ALA A 13 4.96 -7.90 0.72
N SER A 14 4.48 -6.94 -0.08
CA SER A 14 5.11 -6.64 -1.36
C SER A 14 6.45 -5.91 -1.18
N PRO A 17 6.58 1.00 0.43
CA PRO A 17 6.25 1.98 1.46
C PRO A 17 4.86 2.58 1.29
N PRO A 18 4.00 2.49 2.33
CA PRO A 18 2.64 3.03 2.29
C PRO A 18 2.62 4.54 2.06
N PRO A 19 1.67 5.03 1.22
CA PRO A 19 1.57 6.46 0.92
C PRO A 19 0.94 7.26 2.06
N SER A 20 1.66 8.26 2.56
CA SER A 20 1.19 9.10 3.66
C SER A 20 1.86 10.48 3.63
N ALA A 2 -4.96 6.28 -2.80
CA ALA A 2 -3.52 6.06 -2.69
C ALA A 2 -3.21 4.94 -1.69
N TYR A 3 -3.56 5.17 -0.42
CA TYR A 3 -3.33 4.19 0.63
C TYR A 3 -4.08 2.89 0.37
N ALA A 4 -5.33 3.02 -0.11
CA ALA A 4 -6.16 1.85 -0.42
C ALA A 4 -5.50 0.99 -1.48
N GLN A 5 -4.93 1.63 -2.51
CA GLN A 5 -4.26 0.92 -3.59
C GLN A 5 -3.03 0.18 -3.07
N TRP A 6 -2.32 0.82 -2.13
CA TRP A 6 -1.13 0.23 -1.51
C TRP A 6 -1.45 -1.14 -0.92
N LEU A 7 -2.60 -1.22 -0.23
CA LEU A 7 -3.04 -2.48 0.39
C LEU A 7 -3.34 -3.53 -0.68
N ALA A 8 -3.95 -3.09 -1.78
CA ALA A 8 -4.29 -3.99 -2.89
C ALA A 8 -3.05 -4.66 -3.48
N ASP A 9 -1.93 -3.92 -3.51
CA ASP A 9 -0.67 -4.45 -4.04
C ASP A 9 -0.05 -5.48 -3.09
N GLY A 11 0.59 -4.41 0.38
CA GLY A 11 0.97 -3.65 1.56
C GLY A 11 2.38 -3.98 2.02
N PRO A 12 2.57 -4.31 3.31
CA PRO A 12 3.89 -4.65 3.87
C PRO A 12 4.49 -5.91 3.23
N ALA A 13 3.64 -6.78 2.70
CA ALA A 13 4.10 -8.03 2.08
C ALA A 13 4.83 -7.77 0.77
N SER A 14 4.35 -6.81 -0.03
CA SER A 14 4.98 -6.48 -1.31
C SER A 14 6.37 -5.87 -1.11
N PRO A 17 6.84 1.02 0.64
CA PRO A 17 6.44 2.00 1.67
C PRO A 17 5.06 2.61 1.38
N PRO A 18 4.12 2.51 2.34
CA PRO A 18 2.76 3.05 2.21
C PRO A 18 2.77 4.54 1.86
N PRO A 19 1.86 4.98 0.96
CA PRO A 19 1.76 6.37 0.54
C PRO A 19 0.98 7.23 1.55
N SER A 20 1.70 8.12 2.23
CA SER A 20 1.08 9.01 3.22
C SER A 20 1.82 10.34 3.28
N ALA A 2 -4.93 6.05 -2.80
CA ALA A 2 -3.51 6.05 -2.43
C ALA A 2 -3.19 4.94 -1.43
N TYR A 3 -3.70 5.07 -0.20
CA TYR A 3 -3.46 4.07 0.84
C TYR A 3 -4.19 2.77 0.51
N ALA A 4 -5.44 2.90 0.03
CA ALA A 4 -6.24 1.73 -0.32
C ALA A 4 -5.56 0.93 -1.44
N GLN A 5 -5.01 1.66 -2.43
CA GLN A 5 -4.31 1.03 -3.54
C GLN A 5 -3.07 0.29 -3.04
N TRP A 6 -2.37 0.90 -2.07
CA TRP A 6 -1.17 0.32 -1.48
C TRP A 6 -1.46 -1.08 -0.93
N LEU A 7 -2.60 -1.21 -0.24
CA LEU A 7 -3.00 -2.50 0.33
C LEU A 7 -3.29 -3.52 -0.77
N ALA A 8 -3.87 -3.05 -1.88
CA ALA A 8 -4.19 -3.92 -3.02
C ALA A 8 -2.94 -4.57 -3.60
N ASP A 9 -1.82 -3.85 -3.60
CA ASP A 9 -0.55 -4.37 -4.12
C ASP A 9 0.06 -5.42 -3.17
N GLY A 11 0.65 -4.40 0.32
CA GLY A 11 1.05 -3.65 1.49
C GLY A 11 2.48 -3.96 1.92
N PRO A 12 2.70 -4.28 3.22
CA PRO A 12 4.03 -4.61 3.74
C PRO A 12 4.64 -5.85 3.10
N ALA A 13 3.78 -6.75 2.59
CA ALA A 13 4.24 -7.98 1.97
C ALA A 13 4.96 -7.73 0.64
N SER A 14 4.44 -6.80 -0.15
CA SER A 14 5.04 -6.47 -1.45
C SER A 14 6.37 -5.73 -1.27
N PRO A 17 6.46 0.89 0.34
CA PRO A 17 6.06 1.68 1.51
C PRO A 17 4.72 2.38 1.33
N PRO A 18 3.86 2.38 2.38
CA PRO A 18 2.54 3.02 2.34
C PRO A 18 2.63 4.53 2.07
N PRO A 19 1.76 5.05 1.20
CA PRO A 19 1.74 6.48 0.86
C PRO A 19 1.13 7.34 1.98
N SER A 20 2.00 8.00 2.74
CA SER A 20 1.57 8.85 3.85
C SER A 20 2.63 9.90 4.17
N ALA A 2 -4.88 6.49 -2.63
CA ALA A 2 -3.45 6.13 -2.64
C ALA A 2 -3.15 5.01 -1.64
N TYR A 3 -3.57 5.20 -0.39
CA TYR A 3 -3.36 4.20 0.65
C TYR A 3 -4.11 2.91 0.35
N ALA A 4 -5.33 3.05 -0.18
CA ALA A 4 -6.16 1.89 -0.52
C ALA A 4 -5.47 1.03 -1.58
N GLN A 5 -4.88 1.68 -2.58
CA GLN A 5 -4.17 0.98 -3.65
C GLN A 5 -2.95 0.25 -3.09
N TRP A 6 -2.28 0.87 -2.12
CA TRP A 6 -1.10 0.28 -1.48
C TRP A 6 -1.42 -1.10 -0.91
N LEU A 7 -2.58 -1.22 -0.25
CA LEU A 7 -3.03 -2.48 0.33
C LEU A 7 -3.30 -3.51 -0.77
N ALA A 8 -3.81 -3.06 -1.91
CA ALA A 8 -4.12 -3.93 -3.04
C ALA A 8 -2.85 -4.63 -3.56
N ASP A 9 -1.72 -3.92 -3.53
CA ASP A 9 -0.45 -4.48 -4.00
C ASP A 9 0.10 -5.52 -3.02
N GLY A 11 0.61 -4.46 0.46
CA GLY A 11 1.01 -3.71 1.63
C GLY A 11 2.42 -4.03 2.07
N PRO A 12 2.62 -4.32 3.36
CA PRO A 12 3.95 -4.65 3.91
C PRO A 12 4.53 -5.95 3.33
N ALA A 13 3.65 -6.83 2.84
CA ALA A 13 4.09 -8.12 2.28
C ALA A 13 4.82 -7.94 0.94
N SER A 14 4.36 -6.97 0.13
CA SER A 14 4.99 -6.72 -1.17
C SER A 14 6.36 -6.04 -1.02
N PRO A 17 6.63 0.86 0.63
CA PRO A 17 6.28 1.85 1.68
C PRO A 17 4.92 2.50 1.43
N PRO A 18 4.02 2.45 2.44
CA PRO A 18 2.68 3.04 2.33
C PRO A 18 2.72 4.54 1.99
N PRO A 19 1.84 4.99 1.08
CA PRO A 19 1.78 6.40 0.67
C PRO A 19 1.15 7.30 1.72
N SER A 20 1.67 8.52 1.83
CA SER A 20 1.15 9.49 2.81
C SER A 20 1.12 10.89 2.22
N ALA A 2 -5.09 6.47 -3.00
CA ALA A 2 -3.70 6.02 -3.09
C ALA A 2 -3.39 4.95 -2.04
N TYR A 3 -3.80 5.22 -0.79
CA TYR A 3 -3.57 4.29 0.31
C TYR A 3 -4.29 2.96 0.06
N ALA A 4 -5.52 3.03 -0.44
CA ALA A 4 -6.31 1.84 -0.73
C ALA A 4 -5.59 0.94 -1.74
N GLN A 5 -4.97 1.56 -2.74
CA GLN A 5 -4.23 0.82 -3.77
C GLN A 5 -3.02 0.12 -3.15
N TRP A 6 -2.36 0.78 -2.19
CA TRP A 6 -1.20 0.22 -1.52
C TRP A 6 -1.54 -1.15 -0.90
N LEU A 7 -2.71 -1.22 -0.24
CA LEU A 7 -3.17 -2.46 0.39
C LEU A 7 -3.44 -3.53 -0.67
N ALA A 8 -4.00 -3.12 -1.82
CA ALA A 8 -4.30 -4.05 -2.90
C ALA A 8 -3.03 -4.73 -3.43
N ASP A 9 -1.91 -4.01 -3.43
CA ASP A 9 -0.64 -4.56 -3.89
C ASP A 9 -0.06 -5.57 -2.89
N GLY A 11 0.47 -4.42 0.56
CA GLY A 11 0.86 -3.64 1.71
C GLY A 11 2.28 -3.94 2.18
N PRO A 12 2.46 -4.22 3.49
CA PRO A 12 3.79 -4.53 4.04
C PRO A 12 4.40 -5.81 3.46
N ALA A 13 3.55 -6.71 2.98
CA ALA A 13 4.01 -7.98 2.40
C ALA A 13 4.75 -7.77 1.08
N SER A 14 4.27 -6.84 0.26
CA SER A 14 4.90 -6.54 -1.03
C SER A 14 6.30 -5.93 -0.85
N PRO A 17 6.61 0.97 0.86
CA PRO A 17 6.15 1.92 1.88
C PRO A 17 4.81 2.57 1.51
N PRO A 18 3.85 2.56 2.44
CA PRO A 18 2.51 3.14 2.22
C PRO A 18 2.59 4.61 1.80
N PRO A 19 1.68 5.05 0.91
CA PRO A 19 1.65 6.43 0.41
C PRO A 19 1.69 7.46 1.53
N SER A 20 2.82 8.16 1.65
CA SER A 20 3.00 9.17 2.68
C SER A 20 4.12 10.15 2.31
N ALA A 2 -4.63 6.17 -3.13
CA ALA A 2 -3.21 6.05 -2.84
C ALA A 2 -2.95 4.98 -1.79
N TYR A 3 -3.40 5.22 -0.56
CA TYR A 3 -3.22 4.28 0.54
C TYR A 3 -4.03 3.00 0.31
N ALA A 4 -5.26 3.16 -0.19
CA ALA A 4 -6.12 2.01 -0.46
C ALA A 4 -5.49 1.09 -1.51
N GLN A 5 -4.88 1.70 -2.54
CA GLN A 5 -4.23 0.94 -3.60
C GLN A 5 -3.01 0.18 -3.04
N TRP A 6 -2.30 0.83 -2.11
CA TRP A 6 -1.12 0.22 -1.49
C TRP A 6 -1.49 -1.14 -0.85
N LEU A 7 -2.63 -1.18 -0.17
CA LEU A 7 -3.11 -2.41 0.47
C LEU A 7 -3.43 -3.48 -0.57
N ALA A 8 -3.99 -3.03 -1.71
CA ALA A 8 -4.35 -3.94 -2.80
C ALA A 8 -3.14 -4.69 -3.35
N ASP A 9 -1.98 -4.01 -3.36
CA ASP A 9 -0.74 -4.62 -3.86
C ASP A 9 -0.18 -5.65 -2.86
N GLY A 11 0.45 -4.50 0.56
CA GLY A 11 0.91 -3.71 1.70
C GLY A 11 2.34 -4.01 2.07
N PRO A 12 2.62 -4.30 3.36
CA PRO A 12 3.99 -4.59 3.83
C PRO A 12 4.57 -5.86 3.20
N ALA A 13 3.69 -6.78 2.76
CA ALA A 13 4.13 -8.03 2.15
C ALA A 13 4.77 -7.81 0.78
N SER A 14 4.23 -6.86 0.01
CA SER A 14 4.76 -6.56 -1.32
C SER A 14 6.17 -5.96 -1.23
N PRO A 17 6.71 0.90 0.54
CA PRO A 17 6.36 1.86 1.61
C PRO A 17 5.00 2.52 1.37
N PRO A 18 4.09 2.45 2.37
CA PRO A 18 2.75 3.04 2.27
C PRO A 18 2.81 4.54 1.96
N PRO A 19 1.93 5.02 1.04
CA PRO A 19 1.90 6.43 0.66
C PRO A 19 1.24 7.31 1.72
N SER A 20 1.95 8.36 2.14
CA SER A 20 1.45 9.28 3.15
C SER A 20 2.06 10.67 2.99
N ALA A 2 -4.92 6.43 -2.56
CA ALA A 2 -3.50 6.07 -2.62
C ALA A 2 -3.18 4.96 -1.62
N TYR A 3 -3.59 5.15 -0.36
CA TYR A 3 -3.35 4.16 0.69
C TYR A 3 -4.10 2.87 0.40
N ALA A 4 -5.34 2.98 -0.10
CA ALA A 4 -6.15 1.83 -0.43
C ALA A 4 -5.49 0.98 -1.52
N GLN A 5 -4.92 1.64 -2.52
CA GLN A 5 -4.23 0.96 -3.61
C GLN A 5 -3.01 0.20 -3.08
N TRP A 6 -2.32 0.82 -2.12
CA TRP A 6 -1.14 0.21 -1.50
C TRP A 6 -1.48 -1.15 -0.89
N LEU A 7 -2.62 -1.23 -0.21
CA LEU A 7 -3.07 -2.47 0.41
C LEU A 7 -3.39 -3.53 -0.66
N ALA A 8 -3.95 -3.09 -1.78
CA ALA A 8 -4.30 -3.99 -2.88
C ALA A 8 -3.07 -4.73 -3.42
N ASP A 9 -1.92 -4.03 -3.46
CA ASP A 9 -0.67 -4.64 -3.94
C ASP A 9 -0.10 -5.64 -2.94
N GLY A 11 0.53 -4.46 0.46
CA GLY A 11 1.00 -3.65 1.58
C GLY A 11 2.44 -3.96 1.94
N PRO A 12 2.74 -4.26 3.22
CA PRO A 12 4.10 -4.57 3.68
C PRO A 12 4.68 -5.82 3.01
N ALA A 13 3.79 -6.73 2.56
CA ALA A 13 4.22 -7.97 1.91
C ALA A 13 4.87 -7.70 0.56
N SER A 14 4.34 -6.73 -0.19
CA SER A 14 4.88 -6.39 -1.51
C SER A 14 6.27 -5.77 -1.40
N PRO A 17 6.72 1.07 0.47
CA PRO A 17 6.36 2.01 1.54
C PRO A 17 4.98 2.63 1.32
N PRO A 18 4.08 2.51 2.33
CA PRO A 18 2.71 3.06 2.25
C PRO A 18 2.70 4.56 1.98
N PRO A 19 1.80 5.03 1.10
CA PRO A 19 1.69 6.45 0.74
C PRO A 19 0.98 7.26 1.83
N SER A 20 1.78 7.98 2.63
CA SER A 20 1.25 8.81 3.70
C SER A 20 2.22 9.92 4.07
N ALA A 2 -4.50 6.25 -2.98
CA ALA A 2 -3.08 5.99 -2.81
C ALA A 2 -2.83 4.91 -1.76
N TYR A 3 -3.29 5.16 -0.53
CA TYR A 3 -3.12 4.20 0.57
C TYR A 3 -3.97 2.95 0.33
N ALA A 4 -5.20 3.15 -0.14
CA ALA A 4 -6.11 2.04 -0.42
C ALA A 4 -5.51 1.10 -1.47
N GLN A 5 -4.91 1.69 -2.52
CA GLN A 5 -4.29 0.90 -3.58
C GLN A 5 -3.09 0.13 -3.05
N TRP A 6 -2.33 0.77 -2.15
CA TRP A 6 -1.16 0.14 -1.54
C TRP A 6 -1.54 -1.20 -0.88
N LEU A 7 -2.67 -1.21 -0.18
CA LEU A 7 -3.15 -2.42 0.48
C LEU A 7 -3.51 -3.50 -0.54
N ALA A 8 -4.12 -3.08 -1.66
CA ALA A 8 -4.51 -4.02 -2.72
C ALA A 8 -3.30 -4.75 -3.30
N ASP A 9 -2.16 -4.06 -3.36
CA ASP A 9 -0.93 -4.65 -3.89
C ASP A 9 -0.31 -5.66 -2.91
N GLY A 11 0.41 -4.49 0.51
CA GLY A 11 0.85 -3.70 1.63
C GLY A 11 2.30 -4.00 2.01
N PRO A 12 2.56 -4.32 3.30
CA PRO A 12 3.92 -4.64 3.78
C PRO A 12 4.52 -5.88 3.09
N ALA A 13 3.65 -6.76 2.61
CA ALA A 13 4.09 -7.99 1.94
C ALA A 13 4.78 -7.69 0.61
N SER A 14 4.26 -6.71 -0.12
CA SER A 14 4.84 -6.32 -1.42
C SER A 14 6.22 -5.69 -1.25
N PRO A 17 6.98 1.01 0.57
CA PRO A 17 6.63 2.01 1.59
C PRO A 17 5.24 2.62 1.36
N PRO A 18 4.30 2.41 2.31
CA PRO A 18 2.94 2.94 2.22
C PRO A 18 2.91 4.45 1.96
N PRO A 19 2.04 4.90 1.05
CA PRO A 19 1.91 6.32 0.70
C PRO A 19 1.21 7.13 1.79
N SER A 20 1.95 8.04 2.42
CA SER A 20 1.40 8.87 3.49
C SER A 20 1.71 10.35 3.25
N ALA A 2 -5.25 6.19 -2.61
CA ALA A 2 -3.79 6.06 -2.48
C ALA A 2 -3.42 4.94 -1.51
N TYR A 3 -3.79 5.10 -0.24
CA TYR A 3 -3.51 4.10 0.79
C TYR A 3 -4.21 2.78 0.48
N ALA A 4 -5.46 2.86 0.03
CA ALA A 4 -6.24 1.67 -0.30
C ALA A 4 -5.57 0.88 -1.42
N GLN A 5 -5.03 1.60 -2.41
CA GLN A 5 -4.35 0.96 -3.54
C GLN A 5 -3.08 0.25 -3.05
N TRP A 6 -2.40 0.86 -2.09
CA TRP A 6 -1.18 0.29 -1.50
C TRP A 6 -1.46 -1.11 -0.94
N LEU A 7 -2.58 -1.24 -0.23
CA LEU A 7 -2.97 -2.52 0.37
C LEU A 7 -3.25 -3.56 -0.73
N ALA A 8 -3.85 -3.11 -1.83
CA ALA A 8 -4.18 -4.00 -2.95
C ALA A 8 -2.92 -4.64 -3.54
N ASP A 9 -1.82 -3.90 -3.56
CA ASP A 9 -0.55 -4.42 -4.08
C ASP A 9 0.08 -5.45 -3.14
N GLY A 11 0.72 -4.41 0.32
CA GLY A 11 1.13 -3.64 1.49
C GLY A 11 2.57 -3.94 1.89
N PRO A 12 2.82 -4.25 3.17
CA PRO A 12 4.17 -4.55 3.67
C PRO A 12 4.78 -5.80 3.02
N ALA A 13 3.93 -6.71 2.54
CA ALA A 13 4.39 -7.95 1.92
C ALA A 13 5.07 -7.69 0.57
N SER A 14 4.52 -6.77 -0.22
CA SER A 14 5.09 -6.44 -1.53
C SER A 14 6.45 -5.75 -1.39
N PRO A 17 6.67 1.18 0.32
CA PRO A 17 6.32 2.15 1.38
C PRO A 17 4.91 2.72 1.21
N PRO A 18 4.06 2.57 2.24
CA PRO A 18 2.68 3.07 2.21
C PRO A 18 2.62 4.58 1.97
N PRO A 19 1.65 5.04 1.15
CA PRO A 19 1.48 6.46 0.83
C PRO A 19 0.78 7.23 1.94
N SER A 20 1.55 7.64 2.95
CA SER A 20 1.01 8.38 4.09
C SER A 20 1.94 9.52 4.49
N ALA A 2 -4.82 6.18 -3.05
CA ALA A 2 -3.38 6.07 -2.78
C ALA A 2 -3.10 4.98 -1.75
N TYR A 3 -3.53 5.20 -0.51
CA TYR A 3 -3.32 4.24 0.57
C TYR A 3 -4.10 2.95 0.31
N ALA A 4 -5.34 3.09 -0.18
CA ALA A 4 -6.18 1.95 -0.49
C ALA A 4 -5.53 1.05 -1.53
N GLN A 5 -4.93 1.66 -2.55
CA GLN A 5 -4.25 0.92 -3.61
C GLN A 5 -3.04 0.18 -3.06
N TRP A 6 -2.33 0.82 -2.13
CA TRP A 6 -1.15 0.24 -1.49
C TRP A 6 -1.49 -1.13 -0.88
N LEU A 7 -2.63 -1.20 -0.20
CA LEU A 7 -3.09 -2.45 0.43
C LEU A 7 -3.39 -3.50 -0.64
N ALA A 8 -3.97 -3.08 -1.76
CA ALA A 8 -4.30 -3.98 -2.86
C ALA A 8 -3.05 -4.68 -3.40
N ASP A 9 -1.93 -3.96 -3.43
CA ASP A 9 -0.67 -4.52 -3.93
C ASP A 9 -0.08 -5.54 -2.95
N GLY A 11 0.53 -4.43 0.49
CA GLY A 11 0.96 -3.66 1.64
C GLY A 11 2.39 -3.97 2.05
N PRO A 12 2.62 -4.28 3.35
CA PRO A 12 3.96 -4.60 3.86
C PRO A 12 4.55 -5.88 3.24
N ALA A 13 3.68 -6.77 2.77
CA ALA A 13 4.12 -8.03 2.16
C ALA A 13 4.81 -7.80 0.82
N SER A 14 4.28 -6.88 0.01
CA SER A 14 4.86 -6.58 -1.30
C SER A 14 6.25 -5.96 -1.18
N PRO A 17 6.69 0.93 0.57
CA PRO A 17 6.32 1.89 1.62
C PRO A 17 4.96 2.54 1.37
N PRO A 18 4.05 2.49 2.36
CA PRO A 18 2.71 3.07 2.26
C PRO A 18 2.74 4.55 1.93
N PRO A 19 1.88 5.03 1.01
CA PRO A 19 1.83 6.43 0.61
C PRO A 19 1.23 7.33 1.70
N SER A 20 2.07 8.23 2.23
CA SER A 20 1.63 9.14 3.29
C SER A 20 2.08 10.57 2.99
N ALA A 2 -4.72 6.08 -3.10
CA ALA A 2 -3.29 5.98 -2.82
C ALA A 2 -3.01 4.91 -1.76
N TYR A 3 -3.46 5.17 -0.54
CA TYR A 3 -3.27 4.22 0.56
C TYR A 3 -4.05 2.93 0.33
N ALA A 4 -5.29 3.08 -0.14
CA ALA A 4 -6.15 1.92 -0.42
C ALA A 4 -5.52 1.02 -1.47
N GLN A 5 -4.93 1.63 -2.51
CA GLN A 5 -4.27 0.87 -3.58
C GLN A 5 -3.06 0.13 -3.02
N TRP A 6 -2.33 0.79 -2.12
CA TRP A 6 -1.15 0.18 -1.49
C TRP A 6 -1.50 -1.16 -0.84
N LEU A 7 -2.63 -1.20 -0.15
CA LEU A 7 -3.10 -2.43 0.51
C LEU A 7 -3.44 -3.50 -0.53
N ALA A 8 -4.06 -3.08 -1.63
CA ALA A 8 -4.44 -3.99 -2.71
C ALA A 8 -3.21 -4.69 -3.30
N ASP A 9 -2.09 -3.98 -3.36
CA ASP A 9 -0.85 -4.54 -3.90
C ASP A 9 -0.22 -5.56 -2.94
N GLY A 11 0.49 -4.44 0.50
CA GLY A 11 0.93 -3.65 1.64
C GLY A 11 2.38 -3.94 2.02
N PRO A 12 2.66 -4.23 3.30
CA PRO A 12 4.02 -4.53 3.77
C PRO A 12 4.62 -5.78 3.12
N ALA A 13 3.76 -6.69 2.66
CA ALA A 13 4.22 -7.93 2.03
C ALA A 13 4.83 -7.67 0.66
N SER A 14 4.26 -6.74 -0.10
CA SER A 14 4.78 -6.41 -1.44
C SER A 14 6.19 -5.82 -1.37
N PRO A 17 6.77 1.03 0.52
CA PRO A 17 6.39 1.96 1.59
C PRO A 17 5.03 2.61 1.33
N PRO A 18 4.10 2.51 2.31
CA PRO A 18 2.75 3.09 2.20
C PRO A 18 2.78 4.59 1.89
N PRO A 19 1.90 5.04 0.97
CA PRO A 19 1.83 6.45 0.59
C PRO A 19 1.14 7.32 1.64
N SER A 20 1.94 7.92 2.53
CA SER A 20 1.41 8.77 3.59
C SER A 20 2.39 9.90 3.91
N ALA A 2 -5.05 6.41 -2.78
CA ALA A 2 -3.62 6.07 -2.80
C ALA A 2 -3.32 4.96 -1.79
N TYR A 3 -3.74 5.16 -0.54
CA TYR A 3 -3.51 4.17 0.51
C TYR A 3 -4.26 2.87 0.21
N ALA A 4 -5.48 2.98 -0.31
CA ALA A 4 -6.28 1.82 -0.65
C ALA A 4 -5.58 0.96 -1.70
N GLN A 5 -4.96 1.63 -2.69
CA GLN A 5 -4.23 0.93 -3.75
C GLN A 5 -3.02 0.20 -3.17
N TRP A 6 -2.35 0.85 -2.21
CA TRP A 6 -1.18 0.26 -1.55
C TRP A 6 -1.52 -1.11 -0.95
N LEU A 7 -2.69 -1.20 -0.32
CA LEU A 7 -3.15 -2.45 0.28
C LEU A 7 -3.41 -3.52 -0.79
N ALA A 8 -3.95 -3.08 -1.93
CA ALA A 8 -4.25 -4.00 -3.04
C ALA A 8 -2.98 -4.70 -3.53
N ASP A 9 -1.86 -3.98 -3.54
CA ASP A 9 -0.59 -4.54 -4.00
C ASP A 9 -0.03 -5.55 -2.99
N GLY A 11 0.47 -4.42 0.46
CA GLY A 11 0.85 -3.63 1.62
C GLY A 11 2.27 -3.95 2.09
N PRO A 12 2.45 -4.24 3.40
CA PRO A 12 3.76 -4.56 3.96
C PRO A 12 4.36 -5.85 3.38
N ALA A 13 3.49 -6.73 2.87
CA ALA A 13 3.94 -8.00 2.29
C ALA A 13 4.68 -7.80 0.96
N SER A 14 4.21 -6.85 0.15
CA SER A 14 4.84 -6.57 -1.14
C SER A 14 6.23 -5.97 -0.97
N PRO A 17 6.68 0.93 0.81
CA PRO A 17 6.26 1.89 1.84
C PRO A 17 4.91 2.55 1.51
N PRO A 18 3.95 2.47 2.45
CA PRO A 18 2.61 3.06 2.26
C PRO A 18 2.66 4.54 1.92
N PRO A 19 1.73 5.02 1.07
CA PRO A 19 1.68 6.43 0.65
C PRO A 19 1.74 7.40 1.84
N SER A 20 2.78 8.22 1.88
CA SER A 20 2.96 9.19 2.95
C SER A 20 3.27 10.58 2.40
N ALA A 2 -5.05 6.24 -2.57
CA ALA A 2 -3.60 6.09 -2.40
C ALA A 2 -3.28 4.95 -1.45
N TYR A 3 -3.69 5.09 -0.18
CA TYR A 3 -3.44 4.07 0.83
C TYR A 3 -4.19 2.78 0.49
N ALA A 4 -5.43 2.91 0.00
CA ALA A 4 -6.24 1.75 -0.36
C ALA A 4 -5.56 0.96 -1.48
N GLN A 5 -5.00 1.67 -2.47
CA GLN A 5 -4.31 1.02 -3.59
C GLN A 5 -3.07 0.30 -3.10
N TRP A 6 -2.38 0.91 -2.12
CA TRP A 6 -1.17 0.33 -1.53
C TRP A 6 -1.47 -1.06 -0.97
N LEU A 7 -2.62 -1.21 -0.30
CA LEU A 7 -3.03 -2.48 0.27
C LEU A 7 -3.31 -3.51 -0.82
N ALA A 8 -3.85 -3.06 -1.95
CA ALA A 8 -4.17 -3.93 -3.07
C ALA A 8 -2.91 -4.61 -3.63
N ASP A 9 -1.80 -3.89 -3.61
CA ASP A 9 -0.53 -4.44 -4.11
C ASP A 9 0.06 -5.48 -3.15
N GLY A 11 0.61 -4.44 0.32
CA GLY A 11 1.02 -3.67 1.50
C GLY A 11 2.46 -3.99 1.91
N PRO A 12 2.69 -4.27 3.20
CA PRO A 12 4.04 -4.59 3.71
C PRO A 12 4.63 -5.86 3.11
N ALA A 13 3.77 -6.77 2.64
CA ALA A 13 4.22 -8.03 2.04
C ALA A 13 4.92 -7.82 0.70
N SER A 14 4.42 -6.88 -0.10
CA SER A 14 5.01 -6.58 -1.40
C SER A 14 6.39 -5.91 -1.27
N PRO A 17 6.63 1.02 0.45
CA PRO A 17 6.27 1.98 1.51
C PRO A 17 4.89 2.60 1.31
N PRO A 18 4.01 2.50 2.33
CA PRO A 18 2.65 3.05 2.27
C PRO A 18 2.65 4.56 2.02
N PRO A 19 1.75 5.06 1.14
CA PRO A 19 1.65 6.48 0.81
C PRO A 19 1.02 7.30 1.94
N SER A 20 1.85 8.06 2.65
CA SER A 20 1.39 8.89 3.76
C SER A 20 2.22 10.16 3.87
N ALA A 2 -5.17 6.12 -2.70
CA ALA A 2 -3.73 6.06 -2.48
C ALA A 2 -3.36 4.93 -1.50
N TYR A 3 -3.76 5.09 -0.23
CA TYR A 3 -3.47 4.09 0.80
C TYR A 3 -4.20 2.78 0.50
N ALA A 4 -5.45 2.88 0.03
CA ALA A 4 -6.24 1.70 -0.31
C ALA A 4 -5.57 0.89 -1.41
N GLN A 5 -5.03 1.59 -2.42
CA GLN A 5 -4.35 0.95 -3.53
C GLN A 5 -3.08 0.22 -3.03
N TRP A 6 -2.39 0.86 -2.08
CA TRP A 6 -1.18 0.29 -1.50
C TRP A 6 -1.45 -1.10 -0.92
N LEU A 7 -2.59 -1.23 -0.23
CA LEU A 7 -2.98 -2.51 0.36
C LEU A 7 -3.28 -3.55 -0.72
N ALA A 8 -3.89 -3.10 -1.82
CA ALA A 8 -4.22 -3.98 -2.94
C ALA A 8 -2.97 -4.64 -3.53
N ASP A 9 -1.86 -3.89 -3.55
CA ASP A 9 -0.60 -4.40 -4.10
C ASP A 9 0.04 -5.44 -3.15
N GLY A 11 0.68 -4.40 0.32
CA GLY A 11 1.11 -3.63 1.49
C GLY A 11 2.54 -3.94 1.90
N PRO A 12 2.77 -4.27 3.18
CA PRO A 12 4.12 -4.59 3.69
C PRO A 12 4.73 -5.83 3.03
N ALA A 13 3.87 -6.73 2.54
CA ALA A 13 4.32 -7.97 1.90
C ALA A 13 5.02 -7.69 0.56
N SER A 14 4.49 -6.75 -0.22
CA SER A 14 5.06 -6.42 -1.52
C SER A 14 6.42 -5.72 -1.38
N PRO A 17 6.65 1.16 0.30
CA PRO A 17 6.32 2.13 1.36
C PRO A 17 4.92 2.72 1.20
N PRO A 18 4.07 2.58 2.24
CA PRO A 18 2.69 3.09 2.22
C PRO A 18 2.64 4.60 1.96
N PRO A 19 1.69 5.06 1.13
CA PRO A 19 1.53 6.48 0.80
C PRO A 19 0.86 7.27 1.93
N SER A 20 1.67 7.66 2.93
CA SER A 20 1.18 8.42 4.07
C SER A 20 2.24 9.37 4.60
N ALA A 2 -5.01 6.45 -2.65
CA ALA A 2 -3.59 6.12 -2.66
C ALA A 2 -3.28 4.99 -1.69
N TYR A 3 -3.70 5.16 -0.43
CA TYR A 3 -3.48 4.15 0.59
C TYR A 3 -4.22 2.85 0.27
N ALA A 4 -5.44 2.97 -0.24
CA ALA A 4 -6.25 1.81 -0.60
C ALA A 4 -5.55 0.98 -1.68
N GLN A 5 -4.93 1.67 -2.65
CA GLN A 5 -4.21 1.00 -3.72
C GLN A 5 -3.00 0.24 -3.17
N TRP A 6 -2.33 0.86 -2.19
CA TRP A 6 -1.16 0.27 -1.53
C TRP A 6 -1.51 -1.11 -0.96
N LEU A 7 -2.68 -1.20 -0.31
CA LEU A 7 -3.14 -2.46 0.29
C LEU A 7 -3.42 -3.51 -0.79
N ALA A 8 -3.92 -3.06 -1.95
CA ALA A 8 -4.23 -3.95 -3.06
C ALA A 8 -3.00 -4.71 -3.55
N ASP A 9 -1.83 -4.04 -3.53
CA ASP A 9 -0.58 -4.66 -3.96
C ASP A 9 -0.07 -5.67 -2.93
N GLY A 11 0.43 -4.45 0.49
CA GLY A 11 0.87 -3.66 1.62
C GLY A 11 2.29 -3.98 2.04
N PRO A 12 2.52 -4.27 3.34
CA PRO A 12 3.86 -4.60 3.84
C PRO A 12 4.44 -5.87 3.22
N ALA A 13 3.57 -6.76 2.74
CA ALA A 13 3.99 -8.03 2.13
C ALA A 13 4.71 -7.79 0.79
N SER A 14 4.23 -6.82 0.01
CA SER A 14 4.82 -6.51 -1.29
C SER A 14 6.21 -5.90 -1.13
N PRO A 17 6.69 0.98 0.68
CA PRO A 17 6.32 1.93 1.73
C PRO A 17 4.95 2.56 1.47
N PRO A 18 4.02 2.46 2.44
CA PRO A 18 2.67 3.02 2.32
C PRO A 18 2.68 4.52 2.02
N PRO A 19 1.78 4.99 1.13
CA PRO A 19 1.68 6.41 0.76
C PRO A 19 1.56 7.33 1.97
N SER A 20 2.53 8.24 2.13
CA SER A 20 2.53 9.18 3.24
C SER A 20 3.08 10.54 2.80
N ALA A 2 -4.83 6.43 -2.63
CA ALA A 2 -3.39 6.11 -2.59
C ALA A 2 -3.10 4.98 -1.60
N TYR A 3 -3.54 5.17 -0.34
CA TYR A 3 -3.34 4.16 0.70
C TYR A 3 -4.11 2.89 0.39
N ALA A 4 -5.33 3.04 -0.12
CA ALA A 4 -6.18 1.89 -0.47
C ALA A 4 -5.51 1.03 -1.54
N GLN A 5 -4.91 1.69 -2.54
CA GLN A 5 -4.21 1.00 -3.62
C GLN A 5 -2.99 0.25 -3.08
N TRP A 6 -2.30 0.88 -2.13
CA TRP A 6 -1.11 0.28 -1.51
C TRP A 6 -1.44 -1.09 -0.92
N LEU A 7 -2.60 -1.20 -0.28
CA LEU A 7 -3.06 -2.46 0.32
C LEU A 7 -3.34 -3.50 -0.76
N ALA A 8 -3.88 -3.05 -1.90
CA ALA A 8 -4.21 -3.94 -3.02
C ALA A 8 -2.97 -4.66 -3.54
N ASP A 9 -1.82 -3.97 -3.54
CA ASP A 9 -0.57 -4.57 -4.01
C ASP A 9 -0.02 -5.60 -3.01
N GLY A 11 0.49 -4.48 0.45
CA GLY A 11 0.92 -3.71 1.60
C GLY A 11 2.36 -4.02 2.01
N PRO A 12 2.59 -4.31 3.31
CA PRO A 12 3.94 -4.63 3.81
C PRO A 12 4.53 -5.90 3.19
N ALA A 13 3.65 -6.80 2.72
CA ALA A 13 4.10 -8.06 2.11
C ALA A 13 4.77 -7.84 0.76
N SER A 14 4.27 -6.88 -0.03
CA SER A 14 4.84 -6.59 -1.34
C SER A 14 6.24 -5.97 -1.23
N PRO A 17 6.65 0.91 0.55
CA PRO A 17 6.30 1.85 1.62
C PRO A 17 4.93 2.51 1.39
N PRO A 18 4.04 2.45 2.41
CA PRO A 18 2.70 3.03 2.33
C PRO A 18 2.74 4.54 2.05
N PRO A 19 1.88 5.04 1.14
CA PRO A 19 1.83 6.45 0.79
C PRO A 19 1.28 7.32 1.93
N SER A 20 2.03 8.36 2.28
CA SER A 20 1.63 9.27 3.35
C SER A 20 1.84 10.73 2.94
N ALA A 2 -5.18 6.30 -2.77
CA ALA A 2 -3.74 6.18 -2.62
C ALA A 2 -3.38 5.05 -1.64
N TYR A 3 -3.86 5.18 -0.40
CA TYR A 3 -3.59 4.18 0.63
C TYR A 3 -4.31 2.86 0.31
N ALA A 4 -5.55 2.97 -0.18
CA ALA A 4 -6.34 1.78 -0.53
C ALA A 4 -5.63 0.96 -1.61
N GLN A 5 -5.04 1.64 -2.59
CA GLN A 5 -4.32 0.97 -3.67
C GLN A 5 -3.07 0.26 -3.13
N TRP A 6 -2.42 0.89 -2.14
CA TRP A 6 -1.22 0.32 -1.53
C TRP A 6 -1.52 -1.07 -0.96
N LEU A 7 -2.68 -1.21 -0.31
CA LEU A 7 -3.09 -2.49 0.27
C LEU A 7 -3.33 -3.53 -0.82
N ALA A 8 -3.87 -3.09 -1.96
CA ALA A 8 -4.15 -3.99 -3.09
C ALA A 8 -2.89 -4.68 -3.59
N ASP A 9 -1.75 -3.96 -3.55
CA ASP A 9 -0.48 -4.52 -4.00
C ASP A 9 0.07 -5.56 -3.02
N GLY A 11 0.54 -4.48 0.46
CA GLY A 11 0.97 -3.72 1.63
C GLY A 11 2.40 -3.99 2.02
N PRO A 12 2.67 -4.25 3.31
CA PRO A 12 4.03 -4.53 3.81
C PRO A 12 4.64 -5.81 3.22
N ALA A 13 3.78 -6.74 2.80
CA ALA A 13 4.23 -8.02 2.23
C ALA A 13 4.93 -7.83 0.88
N SER A 14 4.40 -6.94 0.05
CA SER A 14 4.98 -6.67 -1.27
C SER A 14 6.35 -5.99 -1.17
N PRO A 17 6.55 0.93 0.56
CA PRO A 17 6.20 1.89 1.63
C PRO A 17 4.83 2.54 1.39
N PRO A 18 3.93 2.47 2.39
CA PRO A 18 2.59 3.06 2.30
C PRO A 18 2.63 4.57 2.03
N PRO A 19 1.69 5.07 1.20
CA PRO A 19 1.61 6.50 0.86
C PRO A 19 1.57 7.39 2.10
N SER A 20 2.60 8.23 2.27
CA SER A 20 2.68 9.13 3.42
C SER A 20 2.12 10.51 3.07
N ALA A 2 -4.84 6.40 -2.67
CA ALA A 2 -3.43 6.03 -2.68
C ALA A 2 -3.12 4.95 -1.65
N TYR A 3 -3.55 5.19 -0.40
CA TYR A 3 -3.33 4.23 0.68
C TYR A 3 -4.09 2.92 0.42
N ALA A 4 -5.32 3.04 -0.08
CA ALA A 4 -6.15 1.88 -0.37
C ALA A 4 -5.50 1.00 -1.44
N GLN A 5 -4.95 1.65 -2.48
CA GLN A 5 -4.28 0.94 -3.57
C GLN A 5 -3.05 0.20 -3.05
N TRP A 6 -2.34 0.84 -2.10
CA TRP A 6 -1.15 0.26 -1.49
C TRP A 6 -1.46 -1.13 -0.91
N LEU A 7 -2.60 -1.24 -0.22
CA LEU A 7 -3.03 -2.50 0.36
C LEU A 7 -3.31 -3.55 -0.71
N ALA A 8 -3.90 -3.10 -1.83
CA ALA A 8 -4.22 -3.98 -2.94
C ALA A 8 -2.97 -4.66 -3.51
N ASP A 9 -1.86 -3.93 -3.53
CA ASP A 9 -0.59 -4.46 -4.03
C ASP A 9 0.01 -5.50 -3.07
N GLY A 11 0.59 -4.42 0.40
CA GLY A 11 1.01 -3.66 1.56
C GLY A 11 2.43 -4.00 1.99
N PRO A 12 2.64 -4.30 3.28
CA PRO A 12 3.97 -4.64 3.81
C PRO A 12 4.55 -5.93 3.19
N ALA A 13 3.67 -6.80 2.70
CA ALA A 13 4.11 -8.07 2.10
C ALA A 13 4.81 -7.84 0.75
N SER A 14 4.36 -6.87 -0.04
CA SER A 14 4.96 -6.59 -1.34
C SER A 14 6.33 -5.92 -1.18
N PRO A 17 6.70 0.99 0.50
CA PRO A 17 6.35 1.97 1.54
C PRO A 17 4.97 2.59 1.32
N PRO A 18 4.09 2.49 2.33
CA PRO A 18 2.72 3.05 2.26
C PRO A 18 2.72 4.55 1.95
N PRO A 19 1.82 5.00 1.06
CA PRO A 19 1.72 6.41 0.68
C PRO A 19 1.00 7.25 1.74
N SER A 20 1.73 8.21 2.32
CA SER A 20 1.15 9.09 3.35
C SER A 20 1.79 10.47 3.31
N ALA A 2 -4.86 6.12 -2.94
CA ALA A 2 -3.43 6.08 -2.60
C ALA A 2 -3.13 4.97 -1.59
N TYR A 3 -3.60 5.15 -0.36
CA TYR A 3 -3.38 4.16 0.71
C TYR A 3 -4.17 2.87 0.42
N ALA A 4 -5.40 3.02 -0.06
CA ALA A 4 -6.25 1.88 -0.38
C ALA A 4 -5.61 1.01 -1.46
N GLN A 5 -5.01 1.67 -2.46
CA GLN A 5 -4.33 0.97 -3.56
C GLN A 5 -3.08 0.25 -3.04
N TRP A 6 -2.40 0.87 -2.09
CA TRP A 6 -1.19 0.29 -1.49
C TRP A 6 -1.49 -1.09 -0.90
N LEU A 7 -2.65 -1.20 -0.23
CA LEU A 7 -3.07 -2.47 0.37
C LEU A 7 -3.36 -3.52 -0.70
N ALA A 8 -3.95 -3.07 -1.82
CA ALA A 8 -4.27 -3.97 -2.93
C ALA A 8 -3.02 -4.65 -3.49
N ASP A 9 -1.90 -3.94 -3.49
CA ASP A 9 -0.63 -4.48 -3.99
C ASP A 9 -0.05 -5.52 -3.04
N GLY A 11 0.53 -4.47 0.43
CA GLY A 11 0.96 -3.71 1.59
C GLY A 11 2.42 -3.99 1.96
N PRO A 12 2.70 -4.27 3.25
CA PRO A 12 4.06 -4.56 3.72
C PRO A 12 4.67 -5.82 3.09
N ALA A 13 3.81 -6.75 2.66
CA ALA A 13 4.26 -8.00 2.07
C ALA A 13 4.93 -7.78 0.71
N SER A 14 4.37 -6.88 -0.11
CA SER A 14 4.92 -6.58 -1.43
C SER A 14 6.29 -5.92 -1.34
N PRO A 17 6.61 1.01 0.36
CA PRO A 17 6.29 1.96 1.42
C PRO A 17 4.91 2.59 1.26
N PRO A 18 4.05 2.49 2.30
CA PRO A 18 2.70 3.05 2.27
C PRO A 18 2.71 4.57 2.03
N PRO A 19 1.80 5.07 1.16
CA PRO A 19 1.72 6.50 0.85
C PRO A 19 1.16 7.31 2.02
N SER A 20 2.04 8.08 2.66
CA SER A 20 1.65 8.91 3.80
C SER A 20 2.42 10.23 3.81
N ALA A 2 -5.28 6.08 -2.61
CA ALA A 2 -3.83 6.06 -2.40
C ALA A 2 -3.44 4.95 -1.43
N TYR A 3 -3.82 5.10 -0.17
CA TYR A 3 -3.51 4.08 0.85
C TYR A 3 -4.20 2.76 0.53
N ALA A 4 -5.46 2.84 0.09
CA ALA A 4 -6.22 1.65 -0.26
C ALA A 4 -5.54 0.88 -1.40
N GLN A 5 -5.03 1.63 -2.39
CA GLN A 5 -4.34 1.03 -3.53
C GLN A 5 -3.07 0.32 -3.07
N TRP A 6 -2.40 0.91 -2.06
CA TRP A 6 -1.17 0.34 -1.50
C TRP A 6 -1.43 -1.07 -0.97
N LEU A 7 -2.55 -1.24 -0.25
CA LEU A 7 -2.93 -2.53 0.32
C LEU A 7 -3.21 -3.55 -0.79
N ALA A 8 -3.77 -3.08 -1.90
CA ALA A 8 -4.10 -3.94 -3.03
C ALA A 8 -2.85 -4.64 -3.60
N ASP A 9 -1.72 -3.92 -3.60
CA ASP A 9 -0.47 -4.48 -4.10
C ASP A 9 0.13 -5.52 -3.15
N GLY A 11 0.68 -4.44 0.33
CA GLY A 11 1.09 -3.68 1.50
C GLY A 11 2.55 -3.95 1.88
N PRO A 12 2.82 -4.24 3.17
CA PRO A 12 4.18 -4.52 3.66
C PRO A 12 4.80 -5.77 3.01
N ALA A 13 3.95 -6.69 2.55
CA ALA A 13 4.43 -7.93 1.93
C ALA A 13 5.07 -7.68 0.57
N SER A 14 4.52 -6.74 -0.20
CA SER A 14 5.07 -6.41 -1.53
C SER A 14 6.44 -5.74 -1.42
N PRO A 17 6.69 1.17 0.37
CA PRO A 17 6.33 2.12 1.43
C PRO A 17 4.93 2.70 1.24
N PRO A 18 4.05 2.56 2.26
CA PRO A 18 2.68 3.07 2.22
C PRO A 18 2.63 4.58 1.97
N PRO A 19 1.65 5.04 1.16
CA PRO A 19 1.49 6.47 0.84
C PRO A 19 0.73 7.23 1.95
N SER A 20 1.45 7.56 3.02
CA SER A 20 0.86 8.28 4.14
C SER A 20 1.44 9.69 4.26
N ALA A 2 -4.56 6.33 -2.95
CA ALA A 2 -3.13 6.08 -2.79
C ALA A 2 -2.89 4.99 -1.75
N TYR A 3 -3.35 5.21 -0.53
CA TYR A 3 -3.19 4.25 0.56
C TYR A 3 -3.99 2.98 0.30
N ALA A 4 -5.21 3.14 -0.22
CA ALA A 4 -6.08 2.01 -0.51
C ALA A 4 -5.44 1.08 -1.55
N GLN A 5 -4.83 1.68 -2.58
CA GLN A 5 -4.15 0.91 -3.63
C GLN A 5 -2.97 0.14 -3.04
N TRP A 6 -2.23 0.80 -2.14
CA TRP A 6 -1.07 0.19 -1.48
C TRP A 6 -1.45 -1.16 -0.85
N LEU A 7 -2.61 -1.19 -0.17
CA LEU A 7 -3.11 -2.41 0.47
C LEU A 7 -3.42 -3.48 -0.58
N ALA A 8 -4.00 -3.04 -1.70
CA ALA A 8 -4.36 -3.96 -2.79
C ALA A 8 -3.13 -4.66 -3.36
N ASP A 9 -2.00 -3.96 -3.38
CA ASP A 9 -0.74 -4.53 -3.89
C ASP A 9 -0.17 -5.58 -2.92
N GLY A 11 0.47 -4.47 0.54
CA GLY A 11 0.91 -3.71 1.69
C GLY A 11 2.34 -4.02 2.09
N PRO A 12 2.60 -4.30 3.38
CA PRO A 12 3.95 -4.62 3.87
C PRO A 12 4.54 -5.89 3.26
N ALA A 13 3.66 -6.80 2.80
CA ALA A 13 4.10 -8.05 2.20
C ALA A 13 4.76 -7.85 0.83
N SER A 14 4.26 -6.88 0.06
CA SER A 14 4.81 -6.58 -1.26
C SER A 14 6.21 -5.99 -1.16
N PRO A 17 6.75 0.88 0.60
CA PRO A 17 6.39 1.83 1.66
C PRO A 17 5.04 2.50 1.42
N PRO A 18 4.13 2.42 2.41
CA PRO A 18 2.78 3.02 2.31
C PRO A 18 2.83 4.52 1.99
N PRO A 19 1.97 4.99 1.07
CA PRO A 19 1.93 6.40 0.68
C PRO A 19 1.21 7.27 1.72
N SER A 20 1.74 8.47 1.94
CA SER A 20 1.16 9.40 2.90
C SER A 20 1.20 10.84 2.38
N ALA A 2 -5.17 6.45 -2.63
CA ALA A 2 -3.75 6.09 -2.70
C ALA A 2 -3.41 4.99 -1.70
N TYR A 3 -3.83 5.17 -0.45
CA TYR A 3 -3.57 4.18 0.60
C TYR A 3 -4.28 2.85 0.29
N ALA A 4 -5.51 2.94 -0.20
CA ALA A 4 -6.29 1.76 -0.55
C ALA A 4 -5.59 0.94 -1.64
N GLN A 5 -5.00 1.64 -2.60
CA GLN A 5 -4.27 0.98 -3.70
C GLN A 5 -3.03 0.26 -3.15
N TRP A 6 -2.38 0.88 -2.17
CA TRP A 6 -1.19 0.30 -1.53
C TRP A 6 -1.50 -1.09 -0.97
N LEU A 7 -2.65 -1.22 -0.31
CA LEU A 7 -3.08 -2.49 0.27
C LEU A 7 -3.33 -3.54 -0.83
N ALA A 8 -3.89 -3.08 -1.96
CA ALA A 8 -4.18 -3.97 -3.08
C ALA A 8 -2.92 -4.66 -3.61
N ASP A 9 -1.79 -3.93 -3.59
CA ASP A 9 -0.52 -4.47 -4.07
C ASP A 9 0.05 -5.50 -3.09
N GLY A 11 0.56 -4.42 0.39
CA GLY A 11 0.95 -3.66 1.56
C GLY A 11 2.36 -3.99 2.04
N PRO A 12 2.54 -4.29 3.33
CA PRO A 12 3.85 -4.63 3.90
C PRO A 12 4.45 -5.91 3.32
N ALA A 13 3.59 -6.80 2.81
CA ALA A 13 4.03 -8.07 2.23
C ALA A 13 4.80 -7.87 0.93
N SER A 14 4.33 -6.95 0.09
CA SER A 14 4.98 -6.66 -1.19
C SER A 14 6.34 -5.99 -0.99
N PRO A 17 6.62 0.95 0.66
CA PRO A 17 6.24 1.94 1.69
C PRO A 17 4.88 2.57 1.42
N PRO A 18 3.96 2.48 2.39
CA PRO A 18 2.60 3.05 2.27
C PRO A 18 2.62 4.55 1.98
N PRO A 19 1.69 5.03 1.12
CA PRO A 19 1.59 6.45 0.76
C PRO A 19 1.52 7.37 1.97
N SER A 20 2.47 8.29 2.08
CA SER A 20 2.53 9.23 3.20
C SER A 20 3.15 10.56 2.77
N ALA A 2 -4.56 6.49 -2.51
CA ALA A 2 -3.16 6.06 -2.53
C ALA A 2 -2.92 4.92 -1.53
N TYR A 3 -3.38 5.12 -0.30
CA TYR A 3 -3.22 4.11 0.75
C TYR A 3 -4.03 2.85 0.43
N ALA A 4 -5.25 3.04 -0.09
CA ALA A 4 -6.11 1.91 -0.45
C ALA A 4 -5.47 1.05 -1.53
N GLN A 5 -4.86 1.70 -2.52
CA GLN A 5 -4.18 0.99 -3.61
C GLN A 5 -2.97 0.22 -3.08
N TRP A 6 -2.27 0.84 -2.12
CA TRP A 6 -1.09 0.21 -1.51
C TRP A 6 -1.45 -1.15 -0.91
N LEU A 7 -2.61 -1.23 -0.25
CA LEU A 7 -3.09 -2.48 0.35
C LEU A 7 -3.38 -3.52 -0.73
N ALA A 8 -3.93 -3.07 -1.87
CA ALA A 8 -4.26 -3.95 -2.99
C ALA A 8 -3.02 -4.68 -3.51
N ASP A 9 -1.88 -3.99 -3.52
CA ASP A 9 -0.62 -4.57 -4.00
C ASP A 9 -0.06 -5.60 -3.02
N GLY A 11 0.46 -4.47 0.45
CA GLY A 11 0.88 -3.69 1.60
C GLY A 11 2.31 -3.99 2.02
N PRO A 12 2.54 -4.33 3.30
CA PRO A 12 3.89 -4.64 3.81
C PRO A 12 4.49 -5.88 3.14
N ALA A 13 3.64 -6.77 2.62
CA ALA A 13 4.10 -7.99 1.97
C ALA A 13 4.80 -7.70 0.63
N SER A 14 4.30 -6.70 -0.10
CA SER A 14 4.88 -6.34 -1.39
C SER A 14 6.26 -5.70 -1.22
N PRO A 17 6.71 0.84 0.54
CA PRO A 17 6.27 1.61 1.73
C PRO A 17 4.93 2.30 1.51
N PRO A 18 4.03 2.24 2.51
CA PRO A 18 2.70 2.87 2.43
C PRO A 18 2.79 4.38 2.16
N PRO A 19 1.95 4.89 1.23
CA PRO A 19 1.93 6.32 0.88
C PRO A 19 1.23 7.16 1.95
N SER A 20 1.80 8.34 2.24
CA SER A 20 1.22 9.24 3.24
C SER A 20 1.27 10.69 2.76
N ALA A 2 -5.10 6.37 -2.89
CA ALA A 2 -3.67 6.12 -2.80
C ALA A 2 -3.35 4.98 -1.81
N TYR A 3 -3.71 5.21 -0.54
CA TYR A 3 -3.47 4.22 0.50
C TYR A 3 -4.24 2.92 0.22
N ALA A 4 -5.47 3.05 -0.26
CA ALA A 4 -6.30 1.89 -0.57
C ALA A 4 -5.62 1.00 -1.62
N GLN A 5 -4.99 1.62 -2.61
CA GLN A 5 -4.29 0.90 -3.67
C GLN A 5 -3.07 0.17 -3.10
N TRP A 6 -2.39 0.81 -2.16
CA TRP A 6 -1.21 0.22 -1.52
C TRP A 6 -1.53 -1.15 -0.92
N LEU A 7 -2.69 -1.25 -0.26
CA LEU A 7 -3.13 -2.51 0.35
C LEU A 7 -3.40 -3.56 -0.73
N ALA A 8 -3.97 -3.13 -1.85
CA ALA A 8 -4.29 -4.04 -2.96
C ALA A 8 -3.02 -4.72 -3.50
N ASP A 9 -1.91 -3.98 -3.51
CA ASP A 9 -0.64 -4.53 -4.00
C ASP A 9 -0.04 -5.55 -3.02
N GLY A 11 0.50 -4.45 0.45
CA GLY A 11 0.89 -3.68 1.61
C GLY A 11 2.31 -3.97 2.06
N PRO A 12 2.53 -4.26 3.36
CA PRO A 12 3.87 -4.57 3.91
C PRO A 12 4.47 -5.84 3.31
N ALA A 13 3.62 -6.75 2.83
CA ALA A 13 4.08 -8.01 2.24
C ALA A 13 4.81 -7.80 0.91
N SER A 14 4.33 -6.84 0.11
CA SER A 14 4.94 -6.55 -1.19
C SER A 14 6.33 -5.91 -1.03
N PRO A 17 6.73 1.01 0.65
CA PRO A 17 6.34 1.98 1.67
C PRO A 17 4.97 2.60 1.41
N PRO A 18 4.04 2.47 2.38
CA PRO A 18 2.68 3.01 2.26
C PRO A 18 2.67 4.51 1.95
N PRO A 19 1.72 4.96 1.13
CA PRO A 19 1.58 6.38 0.75
C PRO A 19 1.53 7.31 1.95
N SER A 20 2.54 8.17 2.08
CA SER A 20 2.62 9.12 3.19
C SER A 20 2.80 10.55 2.68
#